data_6UCD
#
_entry.id   6UCD
#
_cell.length_a   91.550
_cell.length_b   91.550
_cell.length_c   46.550
_cell.angle_alpha   90.000
_cell.angle_beta   90.000
_cell.angle_gamma   90.000
#
_symmetry.space_group_name_H-M   'P 43'
#
_entity_poly.entity_id   1
_entity_poly.type   'polypeptide(L)'
_entity_poly.pdbx_seq_one_letter_code
;GSKQNQKSVNKHDKEALYRYYTGKTMEMKNISALKHGKNNLRFKFRGIKIQVLLPGNDKSKFQQRSYEGLDVFFVQEKRD
KHDIFYTVGGVIQNNKTSGVVSAPILNISKEKGEDAFVKGYPYYIKKEKITLKELDYKLRKHLIEKYGLYKTISKDGRVK
ISLKDGSFYNLDLRSKLKFKYMGEVIESKQIKDIEVNLK
;
_entity_poly.pdbx_strand_id   A,B
#
# COMPACT_ATOMS: atom_id res chain seq x y z
N VAL A 9 3.18 -21.42 -17.97
CA VAL A 9 4.40 -22.18 -17.53
C VAL A 9 4.96 -21.54 -16.24
N ASN A 10 5.09 -20.21 -16.21
CA ASN A 10 5.47 -19.44 -14.99
C ASN A 10 4.39 -19.62 -13.92
N LYS A 11 4.63 -20.48 -12.94
CA LYS A 11 3.66 -20.83 -11.87
C LYS A 11 3.66 -19.74 -10.79
N HIS A 12 2.49 -19.44 -10.22
CA HIS A 12 2.27 -18.44 -9.15
C HIS A 12 1.49 -19.09 -8.00
N ASP A 13 2.10 -19.17 -6.81
CA ASP A 13 1.47 -19.72 -5.57
C ASP A 13 0.84 -18.57 -4.79
N LYS A 14 0.31 -18.86 -3.59
CA LYS A 14 -0.36 -17.89 -2.68
C LYS A 14 0.56 -16.69 -2.46
N GLU A 15 1.81 -16.94 -2.03
CA GLU A 15 2.82 -15.91 -1.68
C GLU A 15 3.05 -14.99 -2.89
N ALA A 16 3.37 -15.57 -4.05
CA ALA A 16 3.64 -14.87 -5.33
C ALA A 16 2.48 -13.92 -5.66
N LEU A 17 1.25 -14.45 -5.63
CA LEU A 17 0.00 -13.70 -5.94
C LEU A 17 -0.20 -12.56 -4.93
N TYR A 18 -0.15 -12.86 -3.64
CA TYR A 18 -0.28 -11.89 -2.52
C TYR A 18 0.69 -10.72 -2.74
N ARG A 19 1.92 -11.01 -3.14
CA ARG A 19 3.02 -10.02 -3.29
C ARG A 19 2.76 -9.11 -4.50
N TYR A 20 2.06 -9.62 -5.52
CA TYR A 20 1.77 -8.89 -6.79
C TYR A 20 0.59 -7.94 -6.58
N TYR A 21 -0.49 -8.42 -5.95
CA TYR A 21 -1.75 -7.68 -5.74
C TYR A 21 -1.69 -6.90 -4.42
N THR A 22 -0.48 -6.49 -4.00
CA THR A 22 -0.21 -5.55 -2.88
C THR A 22 1.05 -4.73 -3.20
N GLY A 23 0.88 -3.45 -3.55
CA GLY A 23 1.98 -2.54 -3.94
C GLY A 23 2.42 -2.76 -5.37
N THR A 25 1.15 -0.23 -7.65
CA THR A 25 -0.19 0.37 -7.82
C THR A 25 -0.10 1.89 -7.73
N MET A 26 -0.59 2.60 -8.75
CA MET A 26 -0.64 4.08 -8.82
C MET A 26 -1.36 4.51 -10.11
N GLU A 27 -2.48 5.24 -9.99
CA GLU A 27 -3.25 5.80 -11.12
C GLU A 27 -2.65 7.14 -11.52
N MET A 28 -2.28 7.30 -12.80
CA MET A 28 -1.81 8.58 -13.40
C MET A 28 -2.84 9.05 -14.44
N LYS A 29 -3.61 10.09 -14.09
CA LYS A 29 -4.81 10.56 -14.86
C LYS A 29 -4.49 11.88 -15.56
N ASN A 30 -3.24 12.06 -16.03
CA ASN A 30 -2.75 13.31 -16.65
C ASN A 30 -1.42 13.03 -17.38
N ILE A 31 -1.49 12.34 -18.52
CA ILE A 31 -0.31 11.89 -19.33
C ILE A 31 -0.52 12.29 -20.79
N SER A 32 0.59 12.46 -21.53
CA SER A 32 0.63 12.57 -23.02
C SER A 32 1.87 11.85 -23.53
N ALA A 33 1.74 10.56 -23.84
CA ALA A 33 2.84 9.67 -24.27
C ALA A 33 2.91 9.63 -25.80
N LEU A 34 3.88 8.90 -26.36
CA LEU A 34 4.18 8.84 -27.82
C LEU A 34 3.97 7.41 -28.33
N HIS A 36 6.88 1.19 -31.31
CA HIS A 36 7.68 0.37 -30.35
C HIS A 36 7.41 -1.12 -30.58
N GLY A 37 8.26 -1.99 -30.01
CA GLY A 37 8.22 -3.45 -30.16
C GLY A 37 6.98 -4.06 -29.51
N LYS A 38 6.09 -4.63 -30.33
CA LYS A 38 4.79 -5.22 -29.90
C LYS A 38 3.87 -4.11 -29.36
N ASN A 39 4.05 -2.88 -29.86
CA ASN A 39 3.23 -1.68 -29.54
C ASN A 39 3.38 -1.24 -28.07
N ASN A 40 4.37 -0.38 -27.79
CA ASN A 40 4.60 0.16 -26.42
C ASN A 40 4.57 1.69 -26.48
N LEU A 41 4.35 2.35 -25.33
CA LEU A 41 4.43 3.83 -25.15
C LEU A 41 5.54 4.15 -24.15
N ARG A 42 5.99 5.41 -24.14
CA ARG A 42 7.06 5.92 -23.24
C ARG A 42 6.67 7.33 -22.78
N PHE A 43 6.86 7.61 -21.48
CA PHE A 43 6.64 8.95 -20.86
C PHE A 43 7.36 8.99 -19.50
N LYS A 44 7.59 10.20 -18.98
CA LYS A 44 8.24 10.45 -17.66
C LYS A 44 7.16 10.79 -16.64
N PHE A 45 7.48 10.67 -15.34
CA PHE A 45 6.58 10.98 -14.20
C PHE A 45 7.42 11.34 -12.96
N GLY A 47 10.54 12.76 -12.29
CA GLY A 47 11.30 12.33 -13.48
C GLY A 47 11.57 10.83 -13.48
N ILE A 48 10.50 10.04 -13.43
CA ILE A 48 10.53 8.54 -13.50
C ILE A 48 10.17 8.12 -14.93
N LYS A 49 11.15 7.65 -15.71
CA LYS A 49 10.97 7.20 -17.11
C LYS A 49 10.19 5.87 -17.10
N ILE A 50 8.96 5.89 -17.61
CA ILE A 50 8.01 4.73 -17.59
C ILE A 50 7.81 4.24 -19.04
N GLN A 51 7.64 2.93 -19.20
CA GLN A 51 7.22 2.26 -20.46
C GLN A 51 5.97 1.42 -20.18
N VAL A 52 5.01 1.40 -21.12
CA VAL A 52 3.76 0.60 -21.04
C VAL A 52 3.67 -0.30 -22.27
N LEU A 53 3.52 -1.62 -22.06
CA LEU A 53 3.20 -2.60 -23.14
C LEU A 53 1.70 -2.53 -23.45
N LEU A 54 1.33 -2.62 -24.72
CA LEU A 54 -0.09 -2.57 -25.19
C LEU A 54 -0.53 -3.99 -25.59
N PRO A 55 -1.22 -4.73 -24.68
CA PRO A 55 -1.68 -6.09 -24.95
C PRO A 55 -2.48 -6.27 -26.25
N GLY A 56 -3.30 -5.28 -26.61
CA GLY A 56 -4.15 -5.31 -27.82
C GLY A 56 -3.35 -5.28 -29.10
N LEU A 70 -4.71 11.41 -21.09
CA LEU A 70 -4.44 9.95 -21.08
C LEU A 70 -4.40 9.45 -19.63
N ASP A 71 -5.24 8.48 -19.28
CA ASP A 71 -5.28 7.83 -17.94
C ASP A 71 -4.60 6.45 -18.05
N VAL A 72 -3.73 6.12 -17.10
CA VAL A 72 -2.99 4.82 -17.10
C VAL A 72 -3.00 4.18 -15.72
N PHE A 73 -3.16 2.85 -15.65
CA PHE A 73 -3.11 2.10 -14.37
C PHE A 73 -1.73 1.48 -14.24
N PHE A 74 -0.93 2.04 -13.33
CA PHE A 74 0.49 1.63 -13.23
C PHE A 74 0.78 0.62 -12.14
N VAL A 75 1.18 -0.55 -12.59
CA VAL A 75 1.60 -1.73 -11.77
C VAL A 75 2.97 -2.21 -12.26
N GLN A 76 3.99 -2.05 -11.42
CA GLN A 76 5.41 -2.37 -11.77
C GLN A 76 5.52 -3.87 -12.03
N GLU A 77 5.93 -4.24 -13.25
CA GLU A 77 6.24 -5.64 -13.65
C GLU A 77 7.76 -5.84 -13.57
N LYS A 78 8.54 -4.83 -13.94
CA LYS A 78 10.01 -4.92 -14.15
C LYS A 78 10.63 -3.52 -14.25
N ARG A 79 11.87 -3.37 -13.77
CA ARG A 79 12.71 -2.14 -13.84
C ARG A 79 14.05 -2.49 -14.48
N ASP A 80 14.31 -1.97 -15.69
CA ASP A 80 15.46 -2.35 -16.54
C ASP A 80 16.79 -1.90 -15.92
N LYS A 81 17.91 -2.45 -16.41
CA LYS A 81 19.29 -2.15 -15.91
C LYS A 81 19.52 -0.66 -15.66
N HIS A 82 18.81 0.22 -16.38
CA HIS A 82 18.94 1.69 -16.23
C HIS A 82 17.57 2.37 -16.12
N ASP A 83 16.76 1.92 -15.16
CA ASP A 83 15.70 2.71 -14.46
C ASP A 83 14.49 2.96 -15.37
N ILE A 84 14.23 2.06 -16.34
CA ILE A 84 13.03 2.14 -17.23
C ILE A 84 11.95 1.18 -16.69
N PHE A 85 10.99 1.71 -15.92
CA PHE A 85 9.92 0.93 -15.25
C PHE A 85 8.88 0.46 -16.27
N TYR A 86 8.64 -0.85 -16.35
CA TYR A 86 7.68 -1.49 -17.28
C TYR A 86 6.38 -1.85 -16.55
N THR A 87 5.24 -1.60 -17.21
CA THR A 87 3.89 -2.10 -16.84
C THR A 87 3.20 -2.61 -18.12
N VAL A 88 2.07 -3.30 -17.98
CA VAL A 88 1.31 -3.90 -19.11
C VAL A 88 -0.15 -3.44 -19.04
N GLY A 89 -0.72 -3.06 -20.19
CA GLY A 89 -2.11 -2.60 -20.34
C GLY A 89 -2.39 -1.35 -19.54
N GLY A 90 -3.64 -1.18 -19.09
CA GLY A 90 -4.03 -0.15 -18.11
C GLY A 90 -4.32 1.21 -18.73
N VAL A 91 -3.89 1.45 -19.98
CA VAL A 91 -3.99 2.80 -20.63
C VAL A 91 -5.41 2.99 -21.20
N ILE A 92 -6.08 4.06 -20.75
CA ILE A 92 -7.41 4.52 -21.24
C ILE A 92 -7.27 5.98 -21.70
N GLN A 93 -7.69 6.28 -22.93
CA GLN A 93 -7.64 7.64 -23.53
C GLN A 93 -8.95 8.39 -23.23
N ASN A 94 -8.86 9.70 -22.94
CA ASN A 94 -10.00 10.62 -22.68
C ASN A 94 -10.97 9.97 -21.67
N ASN A 95 -10.62 10.00 -20.38
CA ASN A 95 -11.40 9.39 -19.27
C ASN A 95 -11.70 10.46 -18.21
N LYS A 96 -12.90 10.42 -17.63
CA LYS A 96 -13.29 11.30 -16.47
C LYS A 96 -13.23 10.46 -15.19
N THR A 97 -12.50 10.96 -14.20
CA THR A 97 -12.22 10.27 -12.90
C THR A 97 -12.98 10.97 -11.76
N SER A 98 -13.30 12.26 -11.90
CA SER A 98 -14.06 13.06 -10.91
C SER A 98 -15.44 13.43 -11.47
N GLY A 99 -16.49 13.22 -10.67
CA GLY A 99 -17.89 13.54 -11.01
C GLY A 99 -18.73 12.30 -11.29
N VAL A 100 -18.09 11.20 -11.70
CA VAL A 100 -18.75 9.94 -12.16
C VAL A 100 -18.59 8.86 -11.07
N VAL A 101 -19.67 8.10 -10.82
CA VAL A 101 -19.71 7.02 -9.78
C VAL A 101 -20.63 5.88 -10.28
N SER A 102 -20.04 4.71 -10.57
CA SER A 102 -20.74 3.44 -10.85
C SER A 102 -20.63 2.54 -9.61
N ALA A 103 -21.75 1.96 -9.16
CA ALA A 103 -21.83 1.06 -7.99
C ALA A 103 -22.49 -0.26 -8.40
N PRO A 104 -21.82 -1.13 -9.19
CA PRO A 104 -22.30 -2.49 -9.42
C PRO A 104 -22.25 -3.33 -8.14
N ILE A 105 -23.10 -4.36 -8.07
CA ILE A 105 -23.23 -5.25 -6.87
C ILE A 105 -22.09 -6.28 -6.91
N LEU A 106 -21.27 -6.32 -5.86
CA LEU A 106 -20.21 -7.35 -5.66
C LEU A 106 -20.76 -8.45 -4.75
N ASN A 107 -21.01 -9.64 -5.30
CA ASN A 107 -21.56 -10.83 -4.57
C ASN A 107 -20.42 -11.81 -4.26
N ILE A 108 -19.88 -11.76 -3.04
CA ILE A 108 -18.84 -12.71 -2.52
C ILE A 108 -19.55 -13.93 -1.92
N SER A 109 -19.07 -15.13 -2.24
CA SER A 109 -19.67 -16.44 -1.89
C SER A 109 -18.58 -17.47 -1.57
N LYS A 110 -18.42 -17.82 -0.28
CA LYS A 110 -17.61 -18.97 0.20
C LYS A 110 -18.56 -19.97 0.86
N GLU A 111 -18.91 -21.06 0.16
CA GLU A 111 -20.09 -21.90 0.48
C GLU A 111 -19.71 -23.02 1.46
N LYS A 112 -18.53 -23.61 1.32
CA LYS A 112 -18.04 -24.70 2.22
C LYS A 112 -16.64 -24.34 2.76
N GLY A 113 -16.37 -24.72 4.02
CA GLY A 113 -15.12 -24.43 4.74
C GLY A 113 -15.37 -24.21 6.22
N GLU A 114 -14.41 -23.60 6.93
CA GLU A 114 -14.47 -23.33 8.39
C GLU A 114 -15.53 -22.26 8.67
N ASP A 115 -15.52 -21.16 7.92
CA ASP A 115 -16.49 -20.03 8.05
C ASP A 115 -17.08 -19.72 6.68
N ALA A 116 -18.28 -20.26 6.41
CA ALA A 116 -19.01 -20.17 5.13
C ALA A 116 -19.99 -19.01 5.19
N PHE A 117 -19.89 -18.08 4.23
CA PHE A 117 -20.67 -16.81 4.18
C PHE A 117 -21.04 -16.50 2.72
N VAL A 118 -22.10 -15.71 2.55
CA VAL A 118 -22.46 -14.99 1.31
C VAL A 118 -22.57 -13.50 1.69
N LYS A 119 -22.07 -12.59 0.84
CA LYS A 119 -22.01 -11.14 1.16
C LYS A 119 -22.10 -10.33 -0.14
N GLY A 120 -23.27 -9.72 -0.38
CA GLY A 120 -23.54 -8.81 -1.50
C GLY A 120 -23.60 -7.36 -1.05
N TYR A 121 -22.90 -6.47 -1.77
CA TYR A 121 -22.89 -5.00 -1.51
C TYR A 121 -22.36 -4.27 -2.74
N PRO A 122 -22.67 -2.96 -2.90
CA PRO A 122 -22.18 -2.18 -4.03
C PRO A 122 -20.65 -2.05 -4.01
N TYR A 123 -19.99 -2.28 -5.14
CA TYR A 123 -18.55 -2.05 -5.37
C TYR A 123 -18.37 -0.74 -6.14
N TYR A 124 -17.92 0.32 -5.47
CA TYR A 124 -17.87 1.70 -6.01
C TYR A 124 -16.68 1.85 -6.97
N ILE A 125 -16.99 2.29 -8.19
CA ILE A 125 -16.00 2.66 -9.25
C ILE A 125 -16.23 4.14 -9.57
N LYS A 126 -15.24 5.00 -9.31
CA LYS A 126 -15.28 6.46 -9.57
C LYS A 126 -14.52 6.76 -10.86
N LYS A 127 -14.92 6.12 -11.97
CA LYS A 127 -14.31 6.27 -13.33
C LYS A 127 -15.36 5.93 -14.39
N GLU A 128 -15.39 6.72 -15.48
CA GLU A 128 -16.33 6.54 -16.62
C GLU A 128 -16.03 5.20 -17.31
N LYS A 129 -14.77 5.00 -17.71
CA LYS A 129 -14.27 3.74 -18.32
C LYS A 129 -13.16 3.19 -17.43
N ILE A 130 -13.13 1.87 -17.24
CA ILE A 130 -12.11 1.18 -16.40
C ILE A 130 -11.56 -0.03 -17.18
N THR A 131 -10.24 -0.19 -17.15
CA THR A 131 -9.48 -1.31 -17.75
C THR A 131 -9.76 -2.57 -16.93
N LEU A 132 -9.72 -3.75 -17.56
CA LEU A 132 -9.90 -5.05 -16.86
C LEU A 132 -8.78 -5.20 -15.83
N LYS A 133 -7.55 -4.83 -16.20
CA LYS A 133 -6.35 -4.85 -15.32
C LYS A 133 -6.70 -4.30 -13.94
N GLU A 134 -7.16 -3.05 -13.89
CA GLU A 134 -7.42 -2.28 -12.64
C GLU A 134 -8.56 -2.93 -11.85
N LEU A 135 -9.69 -3.19 -12.51
CA LEU A 135 -10.87 -3.86 -11.91
C LEU A 135 -10.41 -5.17 -11.26
N ASP A 136 -9.66 -5.99 -11.99
CA ASP A 136 -9.07 -7.26 -11.50
C ASP A 136 -8.18 -6.97 -10.28
N TYR A 137 -7.16 -6.15 -10.46
CA TYR A 137 -6.12 -5.84 -9.44
C TYR A 137 -6.78 -5.30 -8.17
N LYS A 138 -7.63 -4.27 -8.32
CA LYS A 138 -8.30 -3.57 -7.20
C LYS A 138 -9.30 -4.52 -6.52
N LEU A 139 -9.99 -5.36 -7.30
CA LEU A 139 -10.98 -6.35 -6.77
C LEU A 139 -10.25 -7.40 -5.94
N ARG A 140 -9.14 -7.93 -6.45
CA ARG A 140 -8.32 -8.96 -5.76
C ARG A 140 -7.75 -8.35 -4.47
N LYS A 141 -7.09 -7.18 -4.57
CA LYS A 141 -6.52 -6.44 -3.42
C LYS A 141 -7.54 -6.36 -2.28
N HIS A 142 -8.81 -6.11 -2.62
CA HIS A 142 -9.96 -5.98 -1.68
C HIS A 142 -10.24 -7.31 -0.98
N LEU A 143 -10.15 -8.44 -1.71
CA LEU A 143 -10.41 -9.80 -1.19
C LEU A 143 -9.27 -10.24 -0.25
N ILE A 144 -8.08 -9.64 -0.39
CA ILE A 144 -6.89 -9.93 0.47
C ILE A 144 -7.10 -9.20 1.80
N GLU A 145 -7.40 -7.90 1.75
CA GLU A 145 -7.55 -7.00 2.93
C GLU A 145 -8.70 -7.48 3.83
N LYS A 146 -9.89 -7.69 3.26
CA LYS A 146 -11.17 -7.82 4.01
C LYS A 146 -11.53 -9.30 4.26
N TYR A 147 -11.20 -10.21 3.34
CA TYR A 147 -11.60 -11.65 3.40
C TYR A 147 -10.38 -12.57 3.56
N GLY A 148 -9.17 -12.08 3.24
CA GLY A 148 -7.90 -12.78 3.55
C GLY A 148 -7.48 -13.72 2.44
N LEU A 149 -7.87 -13.45 1.19
CA LEU A 149 -7.47 -14.22 -0.02
C LEU A 149 -5.94 -14.27 -0.09
N TYR A 150 -5.38 -15.38 -0.59
CA TYR A 150 -3.92 -15.62 -0.73
C TYR A 150 -3.19 -15.43 0.61
N LYS A 151 -3.92 -15.48 1.73
CA LYS A 151 -3.39 -15.35 3.11
C LYS A 151 -3.97 -16.48 3.96
N THR A 152 -5.26 -16.39 4.31
CA THR A 152 -5.99 -17.39 5.14
C THR A 152 -6.94 -18.22 4.26
N ILE A 153 -7.53 -17.61 3.24
CA ILE A 153 -8.43 -18.29 2.24
C ILE A 153 -7.55 -18.89 1.13
N SER A 154 -7.99 -20.03 0.56
CA SER A 154 -7.36 -20.75 -0.57
C SER A 154 -7.30 -19.84 -1.81
N LYS A 155 -6.28 -20.04 -2.65
CA LYS A 155 -6.10 -19.34 -3.95
C LYS A 155 -7.12 -19.86 -4.97
N ASP A 156 -7.74 -21.01 -4.68
CA ASP A 156 -8.72 -21.68 -5.56
C ASP A 156 -10.04 -20.89 -5.52
N GLY A 157 -10.26 -20.01 -6.49
CA GLY A 157 -11.49 -19.21 -6.64
C GLY A 157 -11.62 -18.65 -8.05
N ARG A 158 -12.83 -18.24 -8.42
CA ARG A 158 -13.15 -17.64 -9.75
C ARG A 158 -13.90 -16.32 -9.53
N VAL A 159 -14.02 -15.50 -10.58
CA VAL A 159 -14.78 -14.22 -10.57
C VAL A 159 -15.43 -14.01 -11.94
N LYS A 160 -16.75 -13.87 -11.99
CA LYS A 160 -17.52 -13.52 -13.22
C LYS A 160 -17.97 -12.06 -13.12
N ILE A 161 -17.61 -11.25 -14.13
CA ILE A 161 -17.97 -9.79 -14.24
C ILE A 161 -18.98 -9.64 -15.37
N SER A 162 -20.28 -9.65 -15.05
CA SER A 162 -21.39 -9.61 -16.04
C SER A 162 -21.66 -8.17 -16.48
N LEU A 163 -21.76 -7.94 -17.79
CA LEU A 163 -22.10 -6.63 -18.42
C LEU A 163 -23.61 -6.62 -18.73
N LYS A 164 -24.17 -5.43 -18.98
CA LYS A 164 -25.63 -5.21 -19.18
C LYS A 164 -26.10 -5.83 -20.50
N ASP A 165 -25.18 -6.09 -21.44
CA ASP A 165 -25.51 -6.71 -22.76
C ASP A 165 -25.51 -8.23 -22.65
N GLY A 166 -25.24 -8.77 -21.45
CA GLY A 166 -25.25 -10.22 -21.16
C GLY A 166 -23.86 -10.82 -21.32
N SER A 167 -22.91 -10.08 -21.89
CA SER A 167 -21.48 -10.46 -22.02
C SER A 167 -20.84 -10.44 -20.63
N PHE A 168 -19.67 -11.07 -20.48
CA PHE A 168 -18.98 -11.22 -19.16
C PHE A 168 -17.48 -11.41 -19.36
N TYR A 169 -16.74 -11.34 -18.26
CA TYR A 169 -15.28 -11.62 -18.14
C TYR A 169 -15.05 -12.60 -16.98
N ASN A 170 -14.07 -13.50 -17.13
CA ASN A 170 -13.71 -14.53 -16.13
C ASN A 170 -12.31 -14.27 -15.60
N LEU A 171 -12.18 -14.00 -14.29
CA LEU A 171 -10.87 -13.91 -13.57
C LEU A 171 -10.69 -15.19 -12.76
N ASP A 172 -9.66 -15.98 -13.10
CA ASP A 172 -9.18 -17.14 -12.31
C ASP A 172 -8.26 -16.59 -11.21
N LEU A 173 -8.55 -16.88 -9.94
CA LEU A 173 -7.75 -16.39 -8.78
C LEU A 173 -6.51 -17.29 -8.59
N ARG A 174 -6.53 -18.50 -9.13
CA ARG A 174 -5.43 -19.50 -8.99
C ARG A 174 -4.13 -18.96 -9.60
N SER A 175 -4.22 -18.12 -10.63
CA SER A 175 -3.09 -17.50 -11.36
C SER A 175 -3.36 -16.01 -11.60
N LYS A 176 -2.31 -15.20 -11.73
CA LYS A 176 -2.41 -13.73 -11.95
C LYS A 176 -2.88 -13.47 -13.39
N LEU A 177 -3.56 -12.34 -13.61
CA LEU A 177 -4.25 -12.00 -14.88
C LEU A 177 -3.24 -12.09 -16.04
N LYS A 178 -3.58 -12.87 -17.08
CA LYS A 178 -2.77 -13.01 -18.31
C LYS A 178 -2.63 -11.64 -18.97
N PHE A 179 -1.39 -11.25 -19.29
CA PHE A 179 -0.99 -9.92 -19.81
C PHE A 179 -1.91 -9.51 -20.98
N LYS A 180 -2.35 -10.48 -21.78
CA LYS A 180 -3.09 -10.21 -23.05
C LYS A 180 -4.57 -9.92 -22.78
N TYR A 181 -4.96 -9.71 -21.52
CA TYR A 181 -6.33 -9.26 -21.14
C TYR A 181 -6.31 -7.89 -20.44
N MET A 182 -5.13 -7.29 -20.25
CA MET A 182 -4.94 -6.02 -19.50
C MET A 182 -5.23 -4.81 -20.39
N GLY A 183 -5.27 -5.00 -21.72
CA GLY A 183 -5.55 -3.96 -22.71
C GLY A 183 -7.04 -3.74 -22.91
N GLU A 184 -7.88 -4.60 -22.33
CA GLU A 184 -9.38 -4.53 -22.41
C GLU A 184 -9.87 -3.33 -21.58
N VAL A 185 -10.76 -2.51 -22.15
CA VAL A 185 -11.41 -1.34 -21.49
C VAL A 185 -12.90 -1.65 -21.32
N ILE A 186 -13.49 -1.22 -20.20
CA ILE A 186 -14.90 -1.53 -19.79
C ILE A 186 -15.62 -0.23 -19.43
N GLU A 187 -16.82 0.00 -19.98
CA GLU A 187 -17.73 1.11 -19.59
C GLU A 187 -18.31 0.79 -18.20
N SER A 188 -17.92 1.57 -17.19
CA SER A 188 -18.27 1.35 -15.75
C SER A 188 -19.79 1.21 -15.57
N LYS A 189 -20.58 1.99 -16.30
CA LYS A 189 -22.07 1.97 -16.27
C LYS A 189 -22.58 0.59 -16.67
N GLN A 190 -21.90 -0.08 -17.63
CA GLN A 190 -22.35 -1.34 -18.27
C GLN A 190 -22.18 -2.53 -17.31
N ILE A 191 -21.32 -2.42 -16.30
CA ILE A 191 -21.12 -3.48 -15.26
C ILE A 191 -22.33 -3.48 -14.34
N LYS A 192 -22.99 -4.64 -14.16
CA LYS A 192 -24.21 -4.78 -13.34
C LYS A 192 -23.92 -5.57 -12.05
N ASP A 193 -23.02 -6.58 -12.11
CA ASP A 193 -22.66 -7.41 -10.92
C ASP A 193 -21.34 -8.14 -11.15
N ILE A 194 -20.56 -8.29 -10.07
CA ILE A 194 -19.28 -9.06 -9.99
C ILE A 194 -19.50 -10.22 -9.02
N GLU A 195 -19.45 -11.47 -9.50
CA GLU A 195 -19.76 -12.69 -8.71
C GLU A 195 -18.45 -13.43 -8.39
N VAL A 196 -18.02 -13.39 -7.12
CA VAL A 196 -16.78 -14.05 -6.61
C VAL A 196 -17.18 -15.34 -5.88
N ASN A 197 -16.52 -16.45 -6.22
CA ASN A 197 -16.71 -17.77 -5.55
C ASN A 197 -15.38 -18.21 -4.95
N LEU A 198 -15.38 -18.57 -3.65
CA LEU A 198 -14.18 -18.96 -2.87
C LEU A 198 -14.33 -20.39 -2.34
N SER B 8 25.36 12.40 8.36
CA SER B 8 24.89 11.44 7.32
C SER B 8 25.51 11.79 5.96
N VAL B 9 25.63 10.79 5.07
CA VAL B 9 26.24 10.92 3.71
C VAL B 9 25.19 10.56 2.65
N ASN B 10 24.50 9.42 2.84
CA ASN B 10 23.40 8.94 1.96
C ASN B 10 22.25 9.96 2.00
N LYS B 11 22.14 10.81 0.96
CA LYS B 11 21.12 11.89 0.87
C LYS B 11 19.78 11.29 0.41
N HIS B 12 18.68 11.85 0.93
CA HIS B 12 17.28 11.45 0.62
C HIS B 12 16.48 12.68 0.19
N ASP B 13 16.02 12.71 -1.07
CA ASP B 13 15.16 13.79 -1.62
C ASP B 13 13.68 13.37 -1.47
N LYS B 14 12.76 14.18 -2.01
CA LYS B 14 11.29 13.95 -1.95
C LYS B 14 10.97 12.53 -2.45
N GLU B 15 11.45 12.19 -3.65
CA GLU B 15 11.19 10.89 -4.34
C GLU B 15 11.65 9.73 -3.45
N ALA B 16 12.90 9.77 -3.00
CA ALA B 16 13.54 8.75 -2.13
C ALA B 16 12.69 8.51 -0.88
N LEU B 17 12.31 9.60 -0.19
CA LEU B 17 11.50 9.57 1.06
C LEU B 17 10.11 8.98 0.77
N TYR B 18 9.41 9.50 -0.23
CA TYR B 18 8.08 9.02 -0.69
C TYR B 18 8.11 7.50 -0.90
N ARG B 19 9.18 7.00 -1.54
CA ARG B 19 9.32 5.57 -1.94
C ARG B 19 9.55 4.69 -0.70
N TYR B 20 10.16 5.24 0.36
CA TYR B 20 10.49 4.52 1.61
C TYR B 20 9.25 4.40 2.50
N TYR B 21 8.52 5.51 2.68
CA TYR B 21 7.33 5.61 3.57
C TYR B 21 6.05 5.25 2.80
N THR B 22 6.18 4.37 1.80
CA THR B 22 5.06 3.72 1.05
C THR B 22 5.48 2.31 0.63
N GLY B 23 4.95 1.27 1.28
CA GLY B 23 5.24 -0.14 0.98
C GLY B 23 6.53 -0.59 1.66
N THR B 25 5.92 -2.72 4.53
CA THR B 25 5.02 -2.49 5.69
C THR B 25 4.21 -3.77 5.98
N MET B 26 4.28 -4.28 7.20
CA MET B 26 3.49 -5.45 7.69
C MET B 26 3.75 -5.66 9.19
N GLU B 27 2.70 -5.56 10.01
CA GLU B 27 2.77 -5.84 11.47
C GLU B 27 2.55 -7.34 11.71
N MET B 28 3.48 -7.99 12.42
CA MET B 28 3.39 -9.40 12.85
C MET B 28 3.32 -9.45 14.38
N LYS B 29 2.14 -9.77 14.93
CA LYS B 29 1.84 -9.69 16.38
C LYS B 29 1.75 -11.09 16.98
N ASN B 30 2.59 -12.03 16.52
CA ASN B 30 2.60 -13.46 16.93
C ASN B 30 3.92 -14.10 16.48
N ILE B 31 5.01 -13.78 17.17
CA ILE B 31 6.41 -14.23 16.84
C ILE B 31 7.08 -14.77 18.11
N SER B 32 8.04 -15.68 17.93
CA SER B 32 9.01 -16.14 18.96
C SER B 32 10.38 -16.37 18.29
N ALA B 33 11.22 -15.33 18.28
CA ALA B 33 12.56 -15.32 17.64
C ALA B 33 13.63 -15.71 18.68
N LEU B 34 14.89 -15.82 18.24
CA LEU B 34 16.03 -16.30 19.06
C LEU B 34 17.08 -15.18 19.19
N LYS B 38 26.06 -4.64 17.96
CA LYS B 38 24.69 -4.50 17.40
C LYS B 38 24.11 -5.89 17.09
N ASN B 39 23.50 -6.53 18.10
CA ASN B 39 22.88 -7.88 18.00
C ASN B 39 21.71 -7.87 17.00
N ASN B 40 21.33 -9.05 16.51
CA ASN B 40 20.20 -9.27 15.57
C ASN B 40 19.39 -10.49 16.03
N LEU B 41 18.14 -10.60 15.57
CA LEU B 41 17.24 -11.77 15.78
C LEU B 41 16.90 -12.39 14.42
N ARG B 42 16.40 -13.63 14.43
CA ARG B 42 16.05 -14.40 13.21
C ARG B 42 14.77 -15.20 13.48
N PHE B 43 13.84 -15.21 12.52
CA PHE B 43 12.59 -16.03 12.55
C PHE B 43 12.02 -16.12 11.13
N LYS B 44 11.13 -17.10 10.90
CA LYS B 44 10.44 -17.33 9.60
C LYS B 44 9.02 -16.77 9.67
N PHE B 45 8.38 -16.55 8.52
CA PHE B 45 6.98 -16.07 8.38
C PHE B 45 6.39 -16.52 7.04
N GLY B 47 6.74 -19.07 4.68
CA GLY B 47 8.15 -19.46 4.91
C GLY B 47 9.12 -18.38 4.43
N ILE B 48 8.97 -17.17 4.97
CA ILE B 48 9.84 -15.99 4.67
C ILE B 48 10.84 -15.83 5.82
N LYS B 49 12.11 -16.17 5.59
CA LYS B 49 13.22 -16.02 6.57
C LYS B 49 13.51 -14.53 6.78
N ILE B 50 13.22 -14.02 7.99
CA ILE B 50 13.35 -12.58 8.35
C ILE B 50 14.49 -12.43 9.36
N GLN B 51 15.23 -11.31 9.27
CA GLN B 51 16.24 -10.86 10.26
C GLN B 51 15.88 -9.44 10.71
N VAL B 52 16.08 -9.14 12.00
CA VAL B 52 15.86 -7.79 12.60
C VAL B 52 17.16 -7.33 13.28
N LEU B 53 17.67 -6.16 12.91
CA LEU B 53 18.79 -5.47 13.61
C LEU B 53 18.23 -4.80 14.86
N LEU B 54 18.99 -4.84 15.96
CA LEU B 54 18.63 -4.21 17.27
C LEU B 54 19.45 -2.94 17.46
N PRO B 55 18.89 -1.74 17.14
CA PRO B 55 19.59 -0.47 17.30
C PRO B 55 20.22 -0.23 18.69
N GLY B 56 19.56 -0.69 19.75
CA GLY B 56 20.00 -0.52 21.15
C GLY B 56 21.26 -1.30 21.44
N LEU B 70 5.62 -11.85 20.91
CA LEU B 70 6.52 -10.81 20.35
C LEU B 70 5.83 -10.12 19.16
N ASP B 71 5.69 -8.79 19.23
CA ASP B 71 5.14 -7.94 18.15
C ASP B 71 6.30 -7.24 17.43
N VAL B 72 6.31 -7.27 16.10
CA VAL B 72 7.39 -6.64 15.26
C VAL B 72 6.73 -5.84 14.13
N PHE B 73 7.10 -4.57 13.98
CA PHE B 73 6.72 -3.73 12.81
C PHE B 73 7.85 -3.86 11.78
N PHE B 74 7.61 -4.67 10.74
CA PHE B 74 8.60 -4.95 9.67
C PHE B 74 8.45 -3.92 8.55
N VAL B 75 9.56 -3.27 8.20
CA VAL B 75 9.75 -2.39 7.01
C VAL B 75 11.01 -2.88 6.29
N GLN B 76 10.86 -3.36 5.05
CA GLN B 76 11.97 -3.96 4.26
C GLN B 76 13.03 -2.89 3.99
N GLU B 77 14.26 -3.12 4.46
CA GLU B 77 15.46 -2.30 4.15
C GLU B 77 16.25 -2.97 3.02
N LYS B 78 16.31 -4.30 3.02
CA LYS B 78 17.08 -5.12 2.04
C LYS B 78 16.63 -6.59 2.10
N ARG B 79 16.67 -7.28 0.95
CA ARG B 79 16.69 -8.77 0.83
C ARG B 79 17.92 -9.15 0.00
N ASP B 80 19.00 -9.56 0.66
CA ASP B 80 20.31 -9.68 -0.02
C ASP B 80 20.92 -11.08 -0.01
N LYS B 81 21.43 -11.50 -1.18
CA LYS B 81 22.12 -12.79 -1.48
C LYS B 81 21.19 -13.97 -1.27
N HIS B 82 20.88 -14.29 -0.02
CA HIS B 82 19.87 -15.28 0.36
C HIS B 82 18.52 -14.57 0.45
N ASP B 83 17.45 -15.30 0.67
CA ASP B 83 16.08 -14.76 0.79
C ASP B 83 15.81 -14.34 2.24
N ILE B 84 16.80 -13.70 2.87
CA ILE B 84 16.75 -13.18 4.27
C ILE B 84 16.39 -11.69 4.23
N PHE B 85 15.13 -11.34 4.44
CA PHE B 85 14.62 -9.95 4.47
C PHE B 85 15.08 -9.25 5.75
N TYR B 86 15.76 -8.11 5.61
CA TYR B 86 16.33 -7.30 6.74
C TYR B 86 15.44 -6.10 7.03
N THR B 87 15.22 -5.82 8.31
CA THR B 87 14.56 -4.60 8.85
C THR B 87 15.37 -4.12 10.07
N VAL B 88 15.09 -2.91 10.55
CA VAL B 88 15.80 -2.28 11.71
C VAL B 88 14.77 -1.83 12.74
N GLY B 89 15.03 -2.12 14.02
CA GLY B 89 14.15 -1.78 15.17
C GLY B 89 12.80 -2.45 15.04
N GLY B 90 11.75 -1.83 15.61
CA GLY B 90 10.34 -2.19 15.40
C GLY B 90 9.88 -3.34 16.28
N VAL B 91 10.79 -4.12 16.85
CA VAL B 91 10.48 -5.33 17.69
C VAL B 91 10.09 -4.87 19.09
N ILE B 92 8.88 -5.23 19.52
CA ILE B 92 8.25 -4.82 20.81
C ILE B 92 7.58 -6.08 21.39
N GLN B 93 8.03 -6.53 22.56
CA GLN B 93 7.68 -7.86 23.12
C GLN B 93 6.49 -7.74 24.08
N ASN B 94 5.64 -8.77 24.13
CA ASN B 94 4.47 -8.89 25.04
C ASN B 94 3.64 -7.61 24.95
N ASN B 95 2.85 -7.48 23.87
CA ASN B 95 2.05 -6.28 23.52
C ASN B 95 0.59 -6.70 23.28
N LYS B 96 -0.38 -5.87 23.69
CA LYS B 96 -1.83 -6.07 23.40
C LYS B 96 -2.24 -5.13 22.26
N THR B 97 -2.84 -5.69 21.21
CA THR B 97 -3.17 -4.99 19.93
C THR B 97 -4.70 -4.85 19.80
N SER B 98 -5.48 -5.72 20.45
CA SER B 98 -6.96 -5.69 20.47
C SER B 98 -7.46 -5.38 21.89
N GLY B 99 -8.39 -4.43 22.01
CA GLY B 99 -9.03 -4.03 23.28
C GLY B 99 -8.56 -2.66 23.76
N VAL B 100 -7.37 -2.22 23.33
CA VAL B 100 -6.71 -0.96 23.78
C VAL B 100 -6.79 0.08 22.65
N VAL B 101 -7.08 1.34 22.98
CA VAL B 101 -7.21 2.48 22.01
C VAL B 101 -6.71 3.76 22.68
N SER B 102 -5.59 4.31 22.20
CA SER B 102 -5.05 5.65 22.55
C SER B 102 -5.33 6.62 21.39
N ALA B 103 -5.90 7.79 21.68
CA ALA B 103 -6.23 8.83 20.68
C ALA B 103 -5.59 10.16 21.08
N PRO B 104 -4.24 10.30 20.99
CA PRO B 104 -3.60 11.60 21.15
C PRO B 104 -3.97 12.57 20.01
N ILE B 105 -3.90 13.88 20.28
CA ILE B 105 -4.29 14.96 19.33
C ILE B 105 -3.13 15.16 18.36
N LEU B 106 -3.39 15.01 17.06
CA LEU B 106 -2.43 15.31 15.95
C LEU B 106 -2.73 16.72 15.41
N ASN B 107 -1.84 17.68 15.68
CA ASN B 107 -1.97 19.10 15.26
C ASN B 107 -1.07 19.37 14.04
N ILE B 108 -1.65 19.34 12.84
CA ILE B 108 -0.96 19.67 11.55
C ILE B 108 -1.06 21.18 11.33
N SER B 109 0.05 21.82 10.94
CA SER B 109 0.21 23.30 10.81
C SER B 109 1.11 23.65 9.63
N LYS B 110 0.53 24.14 8.53
CA LYS B 110 1.25 24.74 7.37
C LYS B 110 0.84 26.21 7.26
N GLU B 111 1.69 27.13 7.74
CA GLU B 111 1.29 28.52 8.09
C GLU B 111 1.41 29.46 6.88
N LYS B 112 2.46 29.31 6.06
CA LYS B 112 2.67 30.15 4.85
C LYS B 112 2.93 29.27 3.63
N GLY B 113 2.44 29.69 2.46
CA GLY B 113 2.48 28.94 1.19
C GLY B 113 1.24 29.19 0.36
N GLU B 114 0.98 28.33 -0.63
CA GLU B 114 -0.17 28.45 -1.58
C GLU B 114 -1.49 28.21 -0.84
N ASP B 115 -1.56 27.15 -0.03
CA ASP B 115 -2.78 26.76 0.75
C ASP B 115 -2.37 26.54 2.21
N ALA B 116 -2.56 27.57 3.05
CA ALA B 116 -2.14 27.60 4.48
C ALA B 116 -3.32 27.18 5.35
N PHE B 117 -3.12 26.17 6.20
CA PHE B 117 -4.15 25.55 7.06
C PHE B 117 -3.55 25.16 8.41
N VAL B 118 -4.41 25.05 9.43
CA VAL B 118 -4.15 24.38 10.73
C VAL B 118 -5.25 23.32 10.89
N LYS B 119 -4.92 22.13 11.40
CA LYS B 119 -5.88 20.99 11.48
C LYS B 119 -5.49 20.08 12.65
N GLY B 120 -6.26 20.15 13.74
CA GLY B 120 -6.12 19.28 14.94
C GLY B 120 -7.23 18.26 15.02
N TYR B 121 -6.89 16.99 15.25
CA TYR B 121 -7.84 15.86 15.40
C TYR B 121 -7.14 14.68 16.07
N PRO B 122 -7.90 13.75 16.70
CA PRO B 122 -7.31 12.58 17.35
C PRO B 122 -6.61 11.66 16.33
N TYR B 123 -5.39 11.21 16.65
CA TYR B 123 -4.63 10.19 15.91
C TYR B 123 -4.73 8.85 16.64
N TYR B 124 -5.54 7.92 16.13
CA TYR B 124 -5.91 6.65 16.80
C TYR B 124 -4.74 5.65 16.72
N ILE B 125 -4.31 5.16 17.88
CA ILE B 125 -3.31 4.07 18.06
C ILE B 125 -4.03 2.93 18.81
N LYS B 126 -4.19 1.77 18.17
CA LYS B 126 -4.87 0.58 18.74
C LYS B 126 -3.79 -0.41 19.21
N LYS B 127 -2.89 0.05 20.08
CA LYS B 127 -1.75 -0.73 20.64
C LYS B 127 -1.34 -0.15 22.00
N GLU B 128 -1.03 -1.02 22.97
CA GLU B 128 -0.62 -0.64 24.34
C GLU B 128 0.73 0.09 24.28
N LYS B 129 1.72 -0.53 23.65
CA LYS B 129 3.07 0.04 23.41
C LYS B 129 3.32 0.10 21.90
N ILE B 130 3.95 1.18 21.43
CA ILE B 130 4.29 1.38 19.99
C ILE B 130 5.74 1.86 19.90
N THR B 131 6.49 1.29 18.95
CA THR B 131 7.89 1.67 18.60
C THR B 131 7.88 3.05 17.92
N LEU B 132 8.94 3.84 18.07
CA LEU B 132 9.07 5.17 17.41
C LEU B 132 9.05 4.96 15.90
N LYS B 133 9.74 3.92 15.41
CA LYS B 133 9.79 3.52 13.98
C LYS B 133 8.39 3.59 13.37
N GLU B 134 7.45 2.82 13.93
CA GLU B 134 6.07 2.63 13.39
C GLU B 134 5.30 3.95 13.46
N LEU B 135 5.29 4.59 14.63
CA LEU B 135 4.64 5.91 14.85
C LEU B 135 5.14 6.89 13.78
N ASP B 136 6.46 6.98 13.60
CA ASP B 136 7.12 7.83 12.56
C ASP B 136 6.59 7.41 11.18
N TYR B 137 6.79 6.15 10.80
CA TYR B 137 6.47 5.60 9.46
C TYR B 137 4.99 5.82 9.15
N LYS B 138 4.10 5.40 10.06
CA LYS B 138 2.63 5.47 9.91
C LYS B 138 2.18 6.94 9.88
N LEU B 139 2.81 7.80 10.69
CA LEU B 139 2.48 9.25 10.75
C LEU B 139 2.86 9.92 9.43
N ARG B 140 4.05 9.63 8.91
CA ARG B 140 4.55 10.18 7.63
C ARG B 140 3.65 9.69 6.48
N LYS B 141 3.41 8.38 6.39
CA LYS B 141 2.52 7.75 5.37
C LYS B 141 1.21 8.52 5.29
N HIS B 142 0.65 8.92 6.44
CA HIS B 142 -0.63 9.66 6.60
C HIS B 142 -0.53 11.06 5.97
N LEU B 143 0.61 11.73 6.15
CA LEU B 143 0.88 13.10 5.63
C LEU B 143 1.08 13.07 4.11
N ILE B 144 1.45 11.91 3.55
CA ILE B 144 1.62 11.72 2.09
C ILE B 144 0.22 11.57 1.46
N GLU B 145 -0.60 10.67 2.01
CA GLU B 145 -1.95 10.32 1.49
C GLU B 145 -2.87 11.55 1.53
N LYS B 146 -2.98 12.22 2.68
CA LYS B 146 -4.06 13.20 2.99
C LYS B 146 -3.62 14.64 2.70
N TYR B 147 -2.34 14.97 2.90
CA TYR B 147 -1.79 16.36 2.80
C TYR B 147 -0.79 16.49 1.65
N GLY B 148 -0.23 15.38 1.18
CA GLY B 148 0.59 15.33 -0.06
C GLY B 148 2.06 15.59 0.21
N LEU B 149 2.54 15.28 1.41
CA LEU B 149 3.98 15.39 1.81
C LEU B 149 4.82 14.59 0.81
N TYR B 150 6.04 15.06 0.53
CA TYR B 150 7.01 14.45 -0.41
C TYR B 150 6.39 14.24 -1.81
N LYS B 151 5.29 14.95 -2.10
CA LYS B 151 4.56 14.88 -3.40
C LYS B 151 4.32 16.32 -3.87
N THR B 152 3.38 17.02 -3.22
CA THR B 152 2.97 18.42 -3.54
C THR B 152 3.52 19.38 -2.49
N ILE B 153 3.58 18.96 -1.22
CA ILE B 153 4.16 19.75 -0.09
C ILE B 153 5.67 19.50 -0.03
N SER B 154 6.42 20.52 0.39
CA SER B 154 7.90 20.49 0.58
C SER B 154 8.28 19.43 1.63
N LYS B 155 9.47 18.83 1.47
CA LYS B 155 10.06 17.84 2.42
C LYS B 155 10.51 18.56 3.70
N ASP B 156 10.64 19.89 3.64
CA ASP B 156 11.07 20.76 4.76
C ASP B 156 9.94 20.83 5.80
N GLY B 157 10.00 19.99 6.83
CA GLY B 157 9.05 19.96 7.94
C GLY B 157 9.61 19.24 9.14
N ARG B 158 9.03 19.46 10.33
CA ARG B 158 9.43 18.83 11.61
C ARG B 158 8.19 18.21 12.26
N VAL B 159 8.40 17.36 13.28
CA VAL B 159 7.32 16.72 14.09
C VAL B 159 7.80 16.58 15.53
N LYS B 160 7.08 17.16 16.50
CA LYS B 160 7.33 17.00 17.95
C LYS B 160 6.24 16.07 18.52
N ILE B 161 6.66 14.98 19.19
CA ILE B 161 5.77 13.97 19.85
C ILE B 161 5.94 14.13 21.37
N SER B 162 5.08 14.91 22.01
CA SER B 162 5.16 15.24 23.46
C SER B 162 4.54 14.12 24.29
N LEU B 163 5.25 13.67 25.33
CA LEU B 163 4.79 12.64 26.31
C LEU B 163 4.23 13.37 27.54
N LYS B 164 3.48 12.65 28.38
CA LYS B 164 2.74 13.21 29.55
C LYS B 164 3.71 13.64 30.65
N ASP B 165 4.96 13.15 30.63
CA ASP B 165 6.01 13.50 31.63
C ASP B 165 6.74 14.77 31.20
N GLY B 166 6.36 15.34 30.05
CA GLY B 166 6.95 16.59 29.50
C GLY B 166 8.09 16.30 28.55
N SER B 167 8.56 15.04 28.48
CA SER B 167 9.58 14.56 27.52
C SER B 167 8.96 14.54 26.11
N PHE B 168 9.79 14.47 25.07
CA PHE B 168 9.34 14.53 23.66
C PHE B 168 10.35 13.84 22.73
N TYR B 169 9.94 13.63 21.47
CA TYR B 169 10.76 13.11 20.36
C TYR B 169 10.62 14.05 19.15
N ASN B 170 11.70 14.22 18.39
CA ASN B 170 11.77 15.09 17.19
C ASN B 170 12.00 14.24 15.94
N LEU B 171 11.04 14.26 15.01
CA LEU B 171 11.18 13.67 13.65
C LEU B 171 11.41 14.82 12.65
N ASP B 172 12.59 14.82 12.03
CA ASP B 172 12.92 15.70 10.86
C ASP B 172 12.36 15.01 9.61
N LEU B 173 11.51 15.70 8.84
CA LEU B 173 10.88 15.16 7.60
C LEU B 173 11.87 15.28 6.42
N ARG B 174 12.88 16.14 6.53
CA ARG B 174 13.88 16.39 5.46
C ARG B 174 14.68 15.12 5.15
N SER B 175 14.85 14.23 6.14
CA SER B 175 15.60 12.94 6.03
C SER B 175 14.81 11.83 6.73
N LYS B 176 14.99 10.58 6.30
CA LYS B 176 14.30 9.39 6.87
C LYS B 176 14.89 9.10 8.26
N LEU B 177 14.09 8.49 9.14
CA LEU B 177 14.41 8.27 10.58
C LEU B 177 15.76 7.54 10.69
N LYS B 178 16.69 8.09 11.46
CA LYS B 178 18.02 7.47 11.73
C LYS B 178 17.78 6.12 12.42
N PHE B 179 18.42 5.07 11.90
CA PHE B 179 18.28 3.65 12.32
C PHE B 179 18.38 3.53 13.86
N LYS B 180 19.22 4.38 14.47
CA LYS B 180 19.61 4.37 15.90
C LYS B 180 18.45 4.82 16.80
N TYR B 181 17.28 5.18 16.25
CA TYR B 181 16.09 5.64 17.02
C TYR B 181 14.90 4.70 16.83
N MET B 182 15.06 3.62 16.05
CA MET B 182 13.95 2.69 15.68
C MET B 182 13.75 1.64 16.78
N GLY B 183 14.70 1.50 17.71
CA GLY B 183 14.64 0.55 18.84
C GLY B 183 13.88 1.13 20.03
N GLU B 184 13.54 2.42 19.98
CA GLU B 184 12.80 3.15 21.05
C GLU B 184 11.35 2.66 21.09
N VAL B 185 10.83 2.34 22.30
CA VAL B 185 9.43 1.90 22.56
C VAL B 185 8.71 3.01 23.31
N ILE B 186 7.42 3.22 23.01
CA ILE B 186 6.57 4.32 23.56
C ILE B 186 5.27 3.72 24.13
N GLU B 187 4.94 4.06 25.39
CA GLU B 187 3.61 3.76 26.01
C GLU B 187 2.57 4.67 25.35
N SER B 188 1.65 4.08 24.58
CA SER B 188 0.63 4.79 23.76
C SER B 188 -0.18 5.76 24.63
N LYS B 189 -0.51 5.36 25.87
CA LYS B 189 -1.27 6.19 26.85
C LYS B 189 -0.50 7.50 27.14
N GLN B 190 0.83 7.43 27.17
CA GLN B 190 1.72 8.54 27.62
C GLN B 190 1.80 9.64 26.56
N ILE B 191 1.49 9.35 25.30
CA ILE B 191 1.46 10.35 24.19
C ILE B 191 0.23 11.24 24.38
N LYS B 192 0.41 12.56 24.43
CA LYS B 192 -0.69 13.55 24.64
C LYS B 192 -0.97 14.33 23.34
N ASP B 193 0.06 14.64 22.54
CA ASP B 193 -0.11 15.41 21.28
C ASP B 193 1.10 15.24 20.35
N ILE B 194 0.84 15.20 19.05
CA ILE B 194 1.85 15.15 17.94
C ILE B 194 1.72 16.44 17.13
N GLU B 195 2.75 17.30 17.15
CA GLU B 195 2.73 18.65 16.51
C GLU B 195 3.56 18.63 15.23
N VAL B 196 2.91 18.67 14.07
CA VAL B 196 3.54 18.63 12.71
C VAL B 196 3.56 20.05 12.15
N ASN B 197 4.72 20.51 11.67
CA ASN B 197 4.91 21.85 11.02
C ASN B 197 5.38 21.62 9.58
N LEU B 198 4.69 22.24 8.61
CA LEU B 198 4.98 22.14 7.15
C LEU B 198 5.17 23.54 6.58
#